data_6P2T
#
_entry.id   6P2T
#
_cell.length_a   98.538
_cell.length_b   98.538
_cell.length_c   184.877
_cell.angle_alpha   90.000
_cell.angle_beta   90.000
_cell.angle_gamma   120.000
#
_symmetry.space_group_name_H-M   'H 3 2'
#
loop_
_entity.id
_entity.type
_entity.pdbx_description
1 polymer 'N-acetyl-alpha-D-glucosaminyl L-malate deacetylase 1'
2 non-polymer 'ZINC ION'
3 non-polymer 'CITRIC ACID'
4 non-polymer 'SODIUM ION'
5 water water
#
_entity_poly.entity_id   1
_entity_poly.type   'polypeptide(L)'
_entity_poly.pdbx_seq_one_letter_code
;MGSSHHHHHHSSENLYFQGHMYNADVLAFGAHSDDVEIGMGGTIAKFVKQEKKVMICDLTEAELSSNGTVSLRKEEAAEA
ARILGADKRIQLTLPDRGLIMSDQAIRSIVTVIRICRPKAVFMPYKKDRHPDHGNAAALVEEAIFSAGIHKYKDEKSLPA
HKVSKVYYYMINGFHQPDFVIDISDTIEAKKRSLNAYKSQFIPSKDSVSTPLTNGYIEIVEAREKLYGKEAGVEYAEGFF
SKRMLMLDHDVLGGEQ
;
_entity_poly.pdbx_strand_id   A
#
# COMPACT_ATOMS: atom_id res chain seq x y z
N ASN A 23 11.09 -14.13 -5.18
CA ASN A 23 10.56 -13.26 -6.27
C ASN A 23 9.06 -13.03 -6.06
N ALA A 24 8.71 -11.92 -5.42
CA ALA A 24 7.29 -11.54 -5.18
C ALA A 24 6.63 -11.20 -6.51
N ASP A 25 5.35 -11.52 -6.61
CA ASP A 25 4.45 -10.99 -7.66
C ASP A 25 4.20 -9.50 -7.34
N VAL A 26 3.93 -9.18 -6.08
CA VAL A 26 3.45 -7.83 -5.66
C VAL A 26 4.27 -7.40 -4.44
N LEU A 27 4.86 -6.20 -4.48
CA LEU A 27 5.36 -5.50 -3.27
C LEU A 27 4.58 -4.19 -3.13
N ALA A 28 3.82 -4.05 -2.03
CA ALA A 28 2.97 -2.87 -1.74
C ALA A 28 3.62 -2.06 -0.63
N PHE A 29 3.99 -0.82 -0.94
CA PHE A 29 4.58 0.14 0.01
C PHE A 29 3.49 1.00 0.63
N GLY A 30 3.56 1.22 1.94
CA GLY A 30 2.85 2.31 2.63
C GLY A 30 3.82 3.15 3.43
N ALA A 31 3.45 4.38 3.77
CA ALA A 31 4.21 5.21 4.72
C ALA A 31 4.05 4.63 6.13
N HIS A 32 2.83 4.21 6.44
CA HIS A 32 2.36 3.79 7.79
C HIS A 32 1.62 2.47 7.61
N SER A 33 1.72 1.53 8.55
CA SER A 33 0.87 0.32 8.50
C SER A 33 -0.58 0.79 8.55
N ASP A 34 -1.47 0.14 7.79
CA ASP A 34 -2.89 0.50 7.53
C ASP A 34 -3.03 1.22 6.18
N ASP A 35 -2.01 1.94 5.70
CA ASP A 35 -2.04 2.60 4.36
C ASP A 35 -2.40 1.58 3.26
N VAL A 36 -1.66 0.47 3.18
CA VAL A 36 -1.85 -0.52 2.09
C VAL A 36 -3.23 -1.15 2.23
N GLU A 37 -3.67 -1.42 3.46
CA GLU A 37 -4.99 -2.05 3.71
C GLU A 37 -6.11 -1.11 3.28
N ILE A 38 -6.04 0.17 3.63
CA ILE A 38 -7.07 1.17 3.25
C ILE A 38 -7.14 1.24 1.71
N GLY A 39 -6.00 1.35 1.05
CA GLY A 39 -5.91 1.57 -0.40
C GLY A 39 -6.23 0.33 -1.23
N MET A 40 -5.77 -0.84 -0.80
CA MET A 40 -5.80 -2.03 -1.67
C MET A 40 -5.90 -3.33 -0.89
N GLY A 41 -6.51 -3.33 0.30
CA GLY A 41 -6.63 -4.58 1.08
C GLY A 41 -7.44 -5.63 0.34
N GLY A 42 -8.49 -5.20 -0.37
CA GLY A 42 -9.33 -6.09 -1.20
C GLY A 42 -8.52 -6.75 -2.30
N THR A 43 -7.63 -6.00 -2.94
CA THR A 43 -6.79 -6.47 -4.06
C THR A 43 -5.73 -7.42 -3.55
N ILE A 44 -5.10 -7.09 -2.42
CA ILE A 44 -4.10 -7.98 -1.77
C ILE A 44 -4.78 -9.34 -1.54
N ALA A 45 -5.94 -9.34 -0.89
CA ALA A 45 -6.67 -10.60 -0.58
C ALA A 45 -6.99 -11.35 -1.89
N LYS A 46 -7.35 -10.62 -2.95
CA LYS A 46 -7.69 -11.21 -4.27
C LYS A 46 -6.46 -11.91 -4.86
N PHE A 47 -5.31 -11.25 -4.85
CA PHE A 47 -4.05 -11.79 -5.42
C PHE A 47 -3.61 -13.03 -4.63
N VAL A 48 -3.71 -13.00 -3.30
CA VAL A 48 -3.27 -14.13 -2.43
C VAL A 48 -4.11 -15.36 -2.80
N LYS A 49 -5.41 -15.19 -2.98
CA LYS A 49 -6.35 -16.27 -3.39
C LYS A 49 -6.01 -16.79 -4.80
N GLN A 50 -5.39 -15.97 -5.66
CA GLN A 50 -4.88 -16.42 -6.98
C GLN A 50 -3.50 -17.06 -6.82
N GLU A 51 -3.05 -17.22 -5.57
CA GLU A 51 -1.77 -17.88 -5.21
C GLU A 51 -0.60 -17.04 -5.74
N LYS A 52 -0.77 -15.71 -5.79
CA LYS A 52 0.35 -14.76 -6.00
C LYS A 52 1.06 -14.56 -4.66
N LYS A 53 2.38 -14.35 -4.70
CA LYS A 53 3.21 -13.95 -3.52
C LYS A 53 3.13 -12.43 -3.36
N VAL A 54 2.52 -11.97 -2.26
CA VAL A 54 2.32 -10.54 -1.95
C VAL A 54 3.14 -10.17 -0.71
N MET A 55 3.99 -9.15 -0.85
CA MET A 55 4.78 -8.60 0.28
C MET A 55 4.34 -7.15 0.53
N ILE A 56 4.34 -6.76 1.79
CA ILE A 56 3.95 -5.40 2.25
C ILE A 56 5.17 -4.80 2.94
N CYS A 57 5.47 -3.53 2.65
CA CYS A 57 6.57 -2.80 3.32
C CYS A 57 5.99 -1.50 3.85
N ASP A 58 6.16 -1.27 5.16
CA ASP A 58 5.82 0.04 5.79
C ASP A 58 7.12 0.83 5.91
N LEU A 59 7.16 2.08 5.43
CA LEU A 59 8.42 2.85 5.39
C LEU A 59 8.79 3.32 6.81
N THR A 60 7.79 3.57 7.65
CA THR A 60 7.97 4.10 9.03
C THR A 60 7.27 3.17 10.02
N GLU A 61 7.57 3.38 11.30
CA GLU A 61 6.89 2.69 12.43
C GLU A 61 5.68 3.48 12.91
N ALA A 62 5.33 4.60 12.25
CA ALA A 62 4.14 5.42 12.58
C ALA A 62 4.22 5.93 14.03
N GLU A 63 5.41 6.32 14.46
CA GLU A 63 5.67 6.71 15.88
C GLU A 63 4.88 7.99 16.23
N LEU A 64 4.42 8.78 15.25
CA LEU A 64 3.69 10.04 15.56
C LEU A 64 2.18 9.85 15.48
N SER A 65 1.68 8.63 15.23
CA SER A 65 0.22 8.37 15.23
C SER A 65 -0.36 8.80 16.59
N SER A 66 -1.47 9.52 16.58
CA SER A 66 -2.09 10.12 17.79
C SER A 66 -2.56 9.01 18.74
N ASN A 67 -3.05 7.90 18.21
CA ASN A 67 -3.57 6.77 19.03
C ASN A 67 -2.61 5.58 18.94
N GLY A 68 -2.46 4.85 20.04
CA GLY A 68 -1.65 3.63 20.13
C GLY A 68 -0.19 3.91 20.39
N THR A 69 0.65 2.88 20.24
CA THR A 69 2.11 2.94 20.38
C THR A 69 2.76 2.14 19.27
N VAL A 70 4.04 2.34 19.07
CA VAL A 70 4.84 1.67 18.00
C VAL A 70 4.70 0.16 18.16
N SER A 71 4.79 -0.38 19.38
CA SER A 71 4.83 -1.86 19.59
C SER A 71 3.43 -2.44 19.40
N LEU A 72 2.39 -1.72 19.83
CA LEU A 72 1.00 -2.16 19.61
C LEU A 72 0.71 -2.15 18.10
N ARG A 73 1.13 -1.08 17.43
CA ARG A 73 0.89 -0.88 15.98
C ARG A 73 1.52 -2.02 15.18
N LYS A 74 2.73 -2.46 15.54
CA LYS A 74 3.44 -3.57 14.83
C LYS A 74 2.62 -4.85 14.92
N GLU A 75 2.01 -5.10 16.08
CA GLU A 75 1.23 -6.35 16.28
C GLU A 75 -0.07 -6.26 15.49
N GLU A 76 -0.74 -5.11 15.50
CA GLU A 76 -1.96 -4.89 14.70
C GLU A 76 -1.63 -5.13 13.22
N ALA A 77 -0.49 -4.63 12.76
CA ALA A 77 -0.04 -4.72 11.35
C ALA A 77 0.24 -6.18 11.01
N ALA A 78 0.91 -6.92 11.89
CA ALA A 78 1.19 -8.36 11.69
C ALA A 78 -0.13 -9.14 11.55
N GLU A 79 -1.14 -8.82 12.36
CA GLU A 79 -2.47 -9.49 12.31
C GLU A 79 -3.19 -9.11 11.00
N ALA A 80 -3.12 -7.85 10.57
CA ALA A 80 -3.77 -7.40 9.31
C ALA A 80 -3.19 -8.19 8.15
N ALA A 81 -1.87 -8.39 8.12
CA ALA A 81 -1.14 -9.13 7.08
C ALA A 81 -1.58 -10.60 7.07
N ARG A 82 -1.76 -11.19 8.25
CA ARG A 82 -2.22 -12.60 8.36
C ARG A 82 -3.65 -12.72 7.82
N ILE A 83 -4.54 -11.79 8.13
CA ILE A 83 -5.95 -11.81 7.65
C ILE A 83 -5.97 -11.82 6.11
N LEU A 84 -5.11 -11.03 5.47
CA LEU A 84 -5.12 -10.90 3.98
C LEU A 84 -4.32 -12.04 3.35
N GLY A 85 -3.42 -12.65 4.13
CA GLY A 85 -2.53 -13.74 3.70
C GLY A 85 -1.28 -13.24 3.01
N ALA A 86 -0.83 -12.01 3.30
CA ALA A 86 0.45 -11.47 2.77
C ALA A 86 1.61 -12.35 3.25
N ASP A 87 2.56 -12.63 2.37
CA ASP A 87 3.65 -13.62 2.55
C ASP A 87 4.57 -13.13 3.67
N LYS A 88 4.94 -11.85 3.64
CA LYS A 88 5.84 -11.22 4.65
C LYS A 88 5.50 -9.74 4.79
N ARG A 89 5.72 -9.21 6.00
CA ARG A 89 5.55 -7.77 6.29
C ARG A 89 6.91 -7.18 6.66
N ILE A 90 7.41 -6.25 5.85
CA ILE A 90 8.75 -5.66 6.00
C ILE A 90 8.62 -4.28 6.66
N GLN A 91 9.40 -4.04 7.72
CA GLN A 91 9.37 -2.78 8.50
C GLN A 91 10.65 -1.99 8.25
N LEU A 92 10.55 -0.84 7.60
CA LEU A 92 11.68 0.12 7.60
C LEU A 92 11.46 1.07 8.76
N THR A 93 12.46 1.88 9.05
CA THR A 93 12.47 2.81 10.21
C THR A 93 12.82 4.21 9.72
N LEU A 94 12.32 4.61 8.55
CA LEU A 94 12.36 6.03 8.14
C LEU A 94 11.47 6.79 9.11
N PRO A 95 11.77 8.07 9.40
CA PRO A 95 10.98 8.81 10.38
C PRO A 95 9.58 9.19 9.90
N ASP A 96 8.56 8.97 10.76
CA ASP A 96 7.18 9.51 10.58
C ASP A 96 7.30 11.03 10.46
N ARG A 97 6.62 11.61 9.48
CA ARG A 97 6.66 13.08 9.17
C ARG A 97 8.10 13.55 8.89
N GLY A 98 8.98 12.65 8.44
CA GLY A 98 10.37 12.97 8.05
C GLY A 98 10.75 12.29 6.75
N LEU A 99 9.80 12.07 5.84
CA LEU A 99 10.02 11.38 4.55
C LEU A 99 10.44 12.40 3.49
N ILE A 100 11.37 13.28 3.88
CA ILE A 100 12.05 14.22 2.96
C ILE A 100 12.89 13.43 1.95
N MET A 101 12.88 13.88 0.70
CA MET A 101 13.76 13.33 -0.35
C MET A 101 15.21 13.34 0.15
N SER A 102 15.86 12.18 0.26
CA SER A 102 17.28 12.06 0.66
C SER A 102 17.87 10.81 -0.02
N ASP A 103 19.17 10.84 -0.28
CA ASP A 103 19.91 9.73 -0.92
C ASP A 103 19.83 8.49 -0.03
N GLN A 104 19.93 8.68 1.29
CA GLN A 104 19.99 7.60 2.29
C GLN A 104 18.62 6.89 2.36
N ALA A 105 17.52 7.65 2.39
CA ALA A 105 16.14 7.08 2.40
C ALA A 105 15.91 6.27 1.12
N ILE A 106 16.27 6.81 -0.05
CA ILE A 106 16.10 6.07 -1.32
C ILE A 106 16.88 4.74 -1.24
N ARG A 107 18.13 4.78 -0.83
CA ARG A 107 19.01 3.57 -0.81
C ARG A 107 18.40 2.45 0.04
N SER A 108 17.84 2.77 1.21
N SER A 108 17.80 2.79 1.19
CA SER A 108 17.18 1.76 2.09
CA SER A 108 17.17 1.83 2.12
C SER A 108 16.00 1.11 1.34
C SER A 108 15.93 1.19 1.48
N ILE A 109 15.24 1.90 0.57
CA ILE A 109 14.06 1.34 -0.16
C ILE A 109 14.55 0.49 -1.33
N VAL A 110 15.64 0.89 -1.98
CA VAL A 110 16.25 0.11 -3.10
C VAL A 110 16.56 -1.30 -2.58
N THR A 111 17.09 -1.40 -1.36
CA THR A 111 17.41 -2.72 -0.76
C THR A 111 16.14 -3.58 -0.73
N VAL A 112 15.00 -3.04 -0.32
CA VAL A 112 13.74 -3.82 -0.17
C VAL A 112 13.31 -4.30 -1.56
N ILE A 113 13.40 -3.44 -2.57
CA ILE A 113 12.98 -3.83 -3.93
C ILE A 113 13.88 -4.97 -4.44
N ARG A 114 15.19 -4.85 -4.23
CA ARG A 114 16.20 -5.80 -4.76
C ARG A 114 16.11 -7.14 -4.00
N ILE A 115 15.63 -7.13 -2.76
CA ILE A 115 15.39 -8.37 -1.97
C ILE A 115 14.16 -9.11 -2.52
N CYS A 116 13.05 -8.39 -2.72
CA CYS A 116 11.73 -8.98 -3.05
C CYS A 116 11.61 -9.26 -4.56
N ARG A 117 12.37 -8.55 -5.39
CA ARG A 117 12.33 -8.68 -6.88
C ARG A 117 10.88 -8.76 -7.36
N PRO A 118 10.03 -7.76 -7.04
CA PRO A 118 8.63 -7.82 -7.41
C PRO A 118 8.39 -7.53 -8.89
N LYS A 119 7.37 -8.18 -9.45
CA LYS A 119 6.86 -7.87 -10.81
C LYS A 119 6.14 -6.52 -10.79
N ALA A 120 5.34 -6.28 -9.74
CA ALA A 120 4.50 -5.06 -9.62
C ALA A 120 4.75 -4.41 -8.26
N VAL A 121 4.90 -3.09 -8.26
CA VAL A 121 5.04 -2.29 -7.02
C VAL A 121 3.80 -1.39 -6.94
N PHE A 122 3.18 -1.35 -5.77
CA PHE A 122 2.07 -0.42 -5.44
C PHE A 122 2.57 0.56 -4.39
N MET A 123 2.10 1.80 -4.49
CA MET A 123 2.44 2.84 -3.50
C MET A 123 1.28 3.81 -3.42
N PRO A 124 1.27 4.71 -2.42
CA PRO A 124 0.18 5.68 -2.28
C PRO A 124 0.19 6.71 -3.43
N TYR A 125 -1.01 7.10 -3.84
CA TYR A 125 -1.28 8.25 -4.74
C TYR A 125 -0.98 9.55 -3.99
N LYS A 126 -0.32 10.50 -4.64
CA LYS A 126 0.21 11.68 -3.92
C LYS A 126 -0.92 12.68 -3.57
N LYS A 127 -2.07 12.63 -4.22
CA LYS A 127 -3.15 13.63 -3.95
C LYS A 127 -3.92 13.19 -2.70
N ASP A 128 -3.45 13.65 -1.55
CA ASP A 128 -3.87 13.08 -0.25
C ASP A 128 -3.55 14.13 0.82
N ARG A 129 -4.50 14.36 1.75
CA ARG A 129 -4.38 15.38 2.82
C ARG A 129 -3.15 15.10 3.69
N HIS A 130 -2.68 13.85 3.75
CA HIS A 130 -1.48 13.47 4.55
C HIS A 130 -0.23 13.61 3.68
N PRO A 131 0.67 14.59 3.90
CA PRO A 131 1.81 14.77 3.01
C PRO A 131 2.75 13.55 2.98
N ASP A 132 2.77 12.70 4.03
CA ASP A 132 3.68 11.53 4.06
C ASP A 132 3.32 10.59 2.89
N HIS A 133 2.05 10.55 2.48
CA HIS A 133 1.60 9.60 1.43
C HIS A 133 2.29 9.98 0.10
N GLY A 134 2.24 11.26 -0.26
CA GLY A 134 2.95 11.81 -1.44
C GLY A 134 4.46 11.72 -1.29
N ASN A 135 4.97 12.01 -0.09
CA ASN A 135 6.43 11.96 0.18
C ASN A 135 6.92 10.52 0.02
N ALA A 136 6.15 9.53 0.50
CA ALA A 136 6.49 8.09 0.35
C ALA A 136 6.54 7.75 -1.14
N ALA A 137 5.52 8.13 -1.90
CA ALA A 137 5.48 7.84 -3.37
C ALA A 137 6.73 8.40 -4.04
N ALA A 138 7.14 9.62 -3.73
CA ALA A 138 8.33 10.26 -4.36
C ALA A 138 9.58 9.41 -4.07
N LEU A 139 9.76 8.96 -2.83
CA LEU A 139 10.91 8.09 -2.46
C LEU A 139 10.83 6.77 -3.22
N VAL A 140 9.67 6.13 -3.26
CA VAL A 140 9.54 4.78 -3.88
C VAL A 140 9.80 4.88 -5.39
N GLU A 141 9.30 5.93 -6.05
CA GLU A 141 9.58 6.19 -7.49
C GLU A 141 11.08 6.29 -7.75
N GLU A 142 11.83 7.06 -6.95
CA GLU A 142 13.30 7.20 -7.08
C GLU A 142 13.94 5.82 -6.91
N ALA A 143 13.46 5.04 -5.92
CA ALA A 143 14.04 3.73 -5.56
C ALA A 143 13.78 2.70 -6.67
N ILE A 144 12.62 2.78 -7.32
CA ILE A 144 12.28 1.86 -8.42
C ILE A 144 13.29 2.07 -9.55
N PHE A 145 13.61 3.31 -9.86
CA PHE A 145 14.55 3.61 -10.96
C PHE A 145 15.98 3.17 -10.57
N SER A 146 16.43 3.54 -9.38
CA SER A 146 17.78 3.23 -8.88
C SER A 146 17.95 1.71 -8.73
N ALA A 147 16.88 0.99 -8.39
CA ALA A 147 16.90 -0.47 -8.18
C ALA A 147 17.35 -1.18 -9.45
N GLY A 148 17.05 -0.62 -10.63
CA GLY A 148 17.32 -1.24 -11.95
C GLY A 148 18.68 -0.92 -12.55
N ILE A 149 19.52 -0.10 -11.91
N ILE A 149 19.47 -0.10 -11.86
CA ILE A 149 20.84 0.30 -12.48
CA ILE A 149 20.84 0.34 -12.25
C ILE A 149 21.98 -0.33 -11.66
C ILE A 149 21.84 -0.55 -11.51
N HIS A 150 22.60 -1.38 -12.22
CA HIS A 150 23.54 -2.30 -11.54
C HIS A 150 24.68 -1.54 -10.84
N LYS A 151 25.12 -0.39 -11.37
CA LYS A 151 26.23 0.38 -10.74
C LYS A 151 25.77 1.12 -9.48
N TYR A 152 24.45 1.23 -9.27
CA TYR A 152 23.88 1.80 -8.02
C TYR A 152 23.96 0.72 -6.95
N LYS A 153 24.73 1.00 -5.89
CA LYS A 153 25.00 0.05 -4.80
C LYS A 153 24.10 0.37 -3.61
N ASP A 154 23.31 -0.61 -3.19
CA ASP A 154 22.42 -0.53 -2.00
C ASP A 154 23.21 -1.05 -0.80
N GLU A 155 22.61 -0.94 0.39
CA GLU A 155 23.21 -1.28 1.71
C GLU A 155 23.79 -2.71 1.65
N LYS A 156 23.06 -3.66 1.04
CA LYS A 156 23.43 -5.10 1.01
C LYS A 156 24.05 -5.47 -0.35
N SER A 157 24.39 -4.48 -1.18
CA SER A 157 25.11 -4.60 -2.48
C SER A 157 24.44 -5.67 -3.38
N LEU A 158 23.11 -5.69 -3.40
CA LEU A 158 22.28 -6.67 -4.14
C LEU A 158 22.28 -6.32 -5.63
N PRO A 159 21.81 -7.23 -6.50
CA PRO A 159 21.85 -6.99 -7.96
C PRO A 159 20.65 -6.18 -8.45
N ALA A 160 20.81 -5.54 -9.61
CA ALA A 160 19.77 -4.71 -10.28
C ALA A 160 18.50 -5.55 -10.42
N HIS A 161 17.34 -4.93 -10.22
CA HIS A 161 16.02 -5.53 -10.49
C HIS A 161 15.15 -4.48 -11.16
N LYS A 162 14.53 -4.81 -12.29
CA LYS A 162 13.60 -3.90 -13.00
C LYS A 162 12.17 -4.33 -12.69
N VAL A 163 11.45 -3.52 -11.93
CA VAL A 163 10.00 -3.70 -11.70
C VAL A 163 9.30 -3.53 -13.06
N SER A 164 8.28 -4.36 -13.36
N SER A 164 8.28 -4.36 -13.32
CA SER A 164 7.52 -4.29 -14.63
CA SER A 164 7.50 -4.39 -14.58
C SER A 164 6.34 -3.32 -14.52
C SER A 164 6.33 -3.39 -14.53
N LYS A 165 5.55 -3.41 -13.45
CA LYS A 165 4.28 -2.63 -13.29
C LYS A 165 4.36 -1.75 -12.04
N VAL A 166 3.92 -0.51 -12.12
CA VAL A 166 3.97 0.44 -10.97
C VAL A 166 2.61 1.11 -10.89
N TYR A 167 1.93 0.91 -9.77
CA TYR A 167 0.56 1.39 -9.53
C TYR A 167 0.48 2.23 -8.24
N TYR A 168 -0.54 3.07 -8.19
CA TYR A 168 -0.82 3.99 -7.07
C TYR A 168 -2.24 3.72 -6.58
N TYR A 169 -2.38 3.56 -5.27
CA TYR A 169 -3.67 3.30 -4.60
C TYR A 169 -4.03 4.56 -3.81
N MET A 170 -5.30 4.70 -3.44
CA MET A 170 -5.79 5.90 -2.74
C MET A 170 -6.01 5.59 -1.26
N ILE A 171 -5.48 6.42 -0.40
CA ILE A 171 -5.76 6.29 1.05
C ILE A 171 -6.89 7.26 1.40
N ASN A 172 -6.61 8.54 1.57
CA ASN A 172 -7.65 9.52 2.02
C ASN A 172 -8.48 10.07 0.86
N GLY A 173 -7.98 10.00 -0.37
CA GLY A 173 -8.63 10.67 -1.52
C GLY A 173 -9.82 9.89 -2.07
N PHE A 174 -10.71 10.59 -2.76
N PHE A 174 -10.57 10.53 -2.97
CA PHE A 174 -11.73 10.00 -3.67
CA PHE A 174 -11.78 10.00 -3.65
C PHE A 174 -11.54 10.70 -5.01
C PHE A 174 -11.77 10.39 -5.15
N HIS A 175 -10.67 10.14 -5.85
CA HIS A 175 -10.40 10.69 -7.20
C HIS A 175 -10.97 9.74 -8.25
N GLN A 176 -11.06 10.20 -9.50
CA GLN A 176 -11.42 9.35 -10.64
C GLN A 176 -10.19 8.52 -10.99
N PRO A 177 -10.20 7.20 -10.80
CA PRO A 177 -8.98 6.41 -11.02
C PRO A 177 -8.77 6.08 -12.51
N ASP A 178 -7.56 5.69 -12.87
CA ASP A 178 -7.21 5.22 -14.24
C ASP A 178 -7.93 3.89 -14.52
N PHE A 179 -8.06 3.05 -13.51
CA PHE A 179 -8.80 1.77 -13.60
C PHE A 179 -9.19 1.31 -12.21
N VAL A 180 -10.05 0.29 -12.17
CA VAL A 180 -10.46 -0.36 -10.90
C VAL A 180 -10.25 -1.86 -11.03
N ILE A 181 -10.24 -2.53 -9.87
CA ILE A 181 -10.15 -4.00 -9.72
C ILE A 181 -11.36 -4.40 -8.89
N ASP A 182 -12.12 -5.39 -9.37
CA ASP A 182 -13.31 -5.91 -8.67
C ASP A 182 -12.86 -6.57 -7.37
N ILE A 183 -13.33 -6.10 -6.22
CA ILE A 183 -12.99 -6.74 -4.92
C ILE A 183 -14.29 -7.20 -4.26
N SER A 184 -15.36 -7.40 -5.05
CA SER A 184 -16.67 -7.85 -4.56
C SER A 184 -16.53 -9.08 -3.64
N ASP A 185 -15.61 -9.98 -3.95
CA ASP A 185 -15.41 -11.28 -3.26
C ASP A 185 -14.39 -11.17 -2.10
N THR A 186 -13.78 -10.00 -1.85
CA THR A 186 -12.75 -9.84 -0.77
C THR A 186 -13.03 -8.60 0.08
N ILE A 187 -14.20 -7.97 -0.08
CA ILE A 187 -14.62 -6.77 0.72
C ILE A 187 -14.64 -7.13 2.22
N GLU A 188 -15.11 -8.32 2.59
CA GLU A 188 -15.17 -8.72 4.02
C GLU A 188 -13.76 -8.89 4.58
N ALA A 189 -12.84 -9.51 3.83
CA ALA A 189 -11.44 -9.71 4.24
C ALA A 189 -10.77 -8.34 4.43
N LYS A 190 -11.05 -7.38 3.54
CA LYS A 190 -10.49 -6.01 3.65
C LYS A 190 -10.96 -5.39 4.98
N LYS A 191 -12.27 -5.45 5.25
CA LYS A 191 -12.87 -4.86 6.48
C LYS A 191 -12.25 -5.52 7.72
N ARG A 192 -12.00 -6.83 7.68
CA ARG A 192 -11.34 -7.54 8.81
C ARG A 192 -9.92 -7.01 9.00
N SER A 193 -9.16 -6.81 7.92
CA SER A 193 -7.75 -6.36 7.98
C SER A 193 -7.72 -4.94 8.57
N LEU A 194 -8.71 -4.11 8.26
CA LEU A 194 -8.79 -2.73 8.80
C LEU A 194 -9.18 -2.79 10.29
N ASN A 195 -10.06 -3.71 10.67
CA ASN A 195 -10.55 -3.79 12.09
C ASN A 195 -9.46 -4.36 12.98
N ALA A 196 -8.39 -4.92 12.41
CA ALA A 196 -7.20 -5.37 13.18
C ALA A 196 -6.48 -4.14 13.77
N TYR A 197 -6.62 -2.97 13.13
CA TYR A 197 -6.03 -1.69 13.63
C TYR A 197 -7.00 -1.05 14.61
N LYS A 198 -7.32 -1.75 15.70
CA LYS A 198 -8.24 -1.24 16.75
C LYS A 198 -7.78 0.13 17.26
N SER A 199 -6.48 0.30 17.53
CA SER A 199 -5.94 1.58 18.08
C SER A 199 -6.27 2.76 17.14
N GLN A 200 -6.35 2.50 15.83
CA GLN A 200 -6.51 3.60 14.82
C GLN A 200 -7.99 3.97 14.62
N PHE A 201 -8.90 2.99 14.57
CA PHE A 201 -10.29 3.18 14.07
C PHE A 201 -11.33 3.08 15.20
N ILE A 202 -11.04 2.42 16.32
CA ILE A 202 -12.03 2.16 17.40
C ILE A 202 -11.68 3.02 18.61
N PRO A 203 -12.54 3.98 19.01
CA PRO A 203 -12.28 4.78 20.20
C PRO A 203 -12.17 3.86 21.45
N SER A 204 -11.26 4.22 22.34
CA SER A 204 -10.96 3.59 23.65
C SER A 204 -11.07 4.65 24.73
N LYS A 205 -10.95 4.26 26.00
CA LYS A 205 -10.94 5.21 27.13
C LYS A 205 -9.89 6.31 26.87
N ASP A 206 -8.72 5.95 26.36
CA ASP A 206 -7.57 6.87 26.25
C ASP A 206 -7.34 7.37 24.81
N SER A 207 -8.28 7.15 23.89
N SER A 207 -8.31 7.16 23.92
CA SER A 207 -8.12 7.52 22.46
CA SER A 207 -8.24 7.59 22.50
C SER A 207 -8.49 9.01 22.26
C SER A 207 -8.40 9.11 22.41
N VAL A 208 -7.72 9.74 21.46
CA VAL A 208 -8.06 11.13 21.03
C VAL A 208 -8.79 11.06 19.69
N SER A 209 -9.66 12.03 19.44
CA SER A 209 -10.41 12.18 18.18
C SER A 209 -9.41 12.45 17.06
N THR A 210 -9.48 11.64 16.01
CA THR A 210 -8.73 11.86 14.73
C THR A 210 -9.70 11.64 13.59
N PRO A 211 -9.34 12.00 12.35
CA PRO A 211 -10.15 11.67 11.18
C PRO A 211 -10.42 10.15 11.07
N LEU A 212 -9.58 9.32 11.70
CA LEU A 212 -9.69 7.84 11.59
C LEU A 212 -10.69 7.26 12.61
N THR A 213 -10.98 7.96 13.71
CA THR A 213 -11.81 7.42 14.84
C THR A 213 -13.30 7.75 14.65
N ASN A 214 -13.66 8.33 13.50
CA ASN A 214 -15.00 8.91 13.23
C ASN A 214 -15.65 8.20 12.02
N GLY A 215 -15.82 6.87 12.09
CA GLY A 215 -16.50 6.05 11.06
C GLY A 215 -15.71 5.95 9.76
N TYR A 216 -14.39 5.87 9.86
CA TYR A 216 -13.50 5.92 8.68
C TYR A 216 -13.67 4.66 7.83
N ILE A 217 -13.85 3.49 8.45
CA ILE A 217 -13.91 2.22 7.68
C ILE A 217 -15.16 2.21 6.79
N GLU A 218 -16.27 2.79 7.28
CA GLU A 218 -17.54 2.86 6.53
C GLU A 218 -17.37 3.82 5.34
N ILE A 219 -16.51 4.83 5.46
CA ILE A 219 -16.20 5.82 4.39
C ILE A 219 -15.40 5.13 3.29
N VAL A 220 -14.47 4.26 3.66
CA VAL A 220 -13.67 3.45 2.69
C VAL A 220 -14.62 2.49 1.96
N GLU A 221 -15.56 1.87 2.67
CA GLU A 221 -16.56 0.96 2.05
C GLU A 221 -17.42 1.73 1.05
N ALA A 222 -17.92 2.92 1.43
CA ALA A 222 -18.70 3.83 0.56
C ALA A 222 -17.92 4.11 -0.73
N ARG A 223 -16.63 4.44 -0.64
CA ARG A 223 -15.82 4.74 -1.85
C ARG A 223 -15.75 3.50 -2.75
N GLU A 224 -15.46 2.33 -2.19
CA GLU A 224 -15.29 1.07 -2.94
C GLU A 224 -16.64 0.72 -3.58
N LYS A 225 -17.74 1.09 -2.93
CA LYS A 225 -19.13 0.89 -3.46
C LYS A 225 -19.35 1.79 -4.69
N LEU A 226 -18.93 3.07 -4.66
CA LEU A 226 -19.11 4.01 -5.80
C LEU A 226 -18.23 3.58 -6.98
N TYR A 227 -17.01 3.12 -6.74
CA TYR A 227 -16.12 2.65 -7.85
C TYR A 227 -16.71 1.37 -8.44
N GLY A 228 -17.27 0.48 -7.59
CA GLY A 228 -18.05 -0.69 -8.04
C GLY A 228 -19.10 -0.29 -9.09
N LYS A 229 -19.90 0.74 -8.78
CA LYS A 229 -21.04 1.22 -9.61
C LYS A 229 -20.56 1.62 -11.02
N GLU A 230 -19.49 2.40 -11.11
CA GLU A 230 -18.89 2.84 -12.39
C GLU A 230 -18.55 1.62 -13.26
N ALA A 231 -18.24 0.47 -12.63
CA ALA A 231 -17.72 -0.76 -13.26
C ALA A 231 -18.81 -1.84 -13.31
N GLY A 232 -19.94 -1.61 -12.65
CA GLY A 232 -21.09 -2.53 -12.64
C GLY A 232 -20.88 -3.72 -11.73
N VAL A 233 -20.10 -3.58 -10.65
CA VAL A 233 -19.91 -4.65 -9.63
C VAL A 233 -20.24 -4.04 -8.26
N GLU A 234 -20.24 -4.85 -7.21
CA GLU A 234 -20.59 -4.41 -5.83
C GLU A 234 -19.50 -3.50 -5.27
N TYR A 235 -18.24 -3.94 -5.33
CA TYR A 235 -17.09 -3.19 -4.76
C TYR A 235 -15.88 -3.28 -5.68
N ALA A 236 -15.17 -2.16 -5.82
CA ALA A 236 -13.90 -2.10 -6.55
C ALA A 236 -12.96 -1.08 -5.90
N GLU A 237 -11.67 -1.36 -6.02
CA GLU A 237 -10.57 -0.44 -5.61
C GLU A 237 -10.03 0.26 -6.86
N GLY A 238 -9.72 1.55 -6.73
CA GLY A 238 -9.18 2.41 -7.80
C GLY A 238 -7.67 2.51 -7.74
N PHE A 239 -7.05 2.60 -8.92
CA PHE A 239 -5.59 2.66 -9.11
C PHE A 239 -5.25 3.65 -10.24
N PHE A 240 -4.06 4.22 -10.12
CA PHE A 240 -3.42 5.05 -11.16
C PHE A 240 -2.16 4.33 -11.64
N SER A 241 -1.78 4.61 -12.88
CA SER A 241 -0.48 4.21 -13.44
C SER A 241 0.11 5.41 -14.19
N LYS A 242 1.33 5.79 -13.88
CA LYS A 242 2.10 6.78 -14.67
C LYS A 242 2.63 6.09 -15.92
N ARG A 243 3.11 4.85 -15.77
CA ARG A 243 3.57 4.02 -16.91
C ARG A 243 2.38 3.71 -17.82
N MET A 244 2.66 3.51 -19.10
CA MET A 244 1.62 3.15 -20.10
C MET A 244 1.02 1.79 -19.70
N LEU A 245 -0.31 1.70 -19.68
CA LEU A 245 -1.05 0.42 -19.53
C LEU A 245 -1.03 -0.30 -20.87
N MET A 246 -0.67 -1.58 -20.88
CA MET A 246 -0.83 -2.44 -22.06
C MET A 246 -1.86 -3.49 -21.71
N LEU A 247 -2.95 -3.52 -22.46
CA LEU A 247 -4.09 -4.43 -22.20
C LEU A 247 -4.14 -5.49 -23.29
N ASP A 248 -4.78 -6.59 -22.96
CA ASP A 248 -4.88 -7.79 -23.82
C ASP A 248 -6.22 -8.46 -23.51
N HIS A 249 -6.25 -9.31 -22.48
N HIS A 249 -6.28 -9.36 -22.53
CA HIS A 249 -7.41 -10.12 -22.06
CA HIS A 249 -7.52 -10.09 -22.16
C HIS A 249 -8.55 -9.22 -21.53
C HIS A 249 -8.59 -9.10 -21.70
N ASP A 250 -8.20 -8.05 -20.98
CA ASP A 250 -9.17 -7.14 -20.33
C ASP A 250 -9.82 -6.18 -21.35
N VAL A 251 -9.38 -6.15 -22.61
CA VAL A 251 -10.01 -5.24 -23.61
C VAL A 251 -11.46 -5.66 -23.84
N LEU A 252 -11.68 -6.94 -24.14
CA LEU A 252 -13.05 -7.49 -24.35
C LEU A 252 -13.51 -8.25 -23.09
N GLY A 253 -12.58 -8.71 -22.24
CA GLY A 253 -12.89 -9.47 -21.02
C GLY A 253 -13.63 -10.76 -21.32
N GLY A 254 -13.12 -11.57 -22.26
CA GLY A 254 -13.71 -12.86 -22.66
C GLY A 254 -12.65 -13.92 -22.92
#